data_4EGS
#
_entry.id   4EGS
#
_cell.length_a   35.964
_cell.length_b   33.176
_cell.length_c   117.410
_cell.angle_alpha   90.00
_cell.angle_beta   90.05
_cell.angle_gamma   90.00
#
_symmetry.space_group_name_H-M   'P 1 21 1'
#
loop_
_entity.id
_entity.type
_entity.pdbx_description
1 polymer 'Ribose 5-phosphate isomerase RpiB'
2 non-polymer 'BICARBONATE ION'
3 non-polymer 'SODIUM ION'
4 water water
#
_entity_poly.entity_id   1
_entity_poly.type   'polypeptide(L)'
_entity_poly.pdbx_seq_one_letter_code
;MGSSHHHHHHSSGLVPRGSHMASMTGGQQMGRGSMRVLFVCTGNTCRSPMAEGIFNAKSKALGKDWEAKSAGVFAPEGFP
ASSEAVEVLKKEYGIDISDHRAKSLREEDLKGADLVLAMAFSHKRSLVSQYPEYADKIFTIKEFVGLEGDVEDPYGMPLE
VYKKTAEELSGLIDKLIEKL
;
_entity_poly.pdbx_strand_id   A,B
#
# COMPACT_ATOMS: atom_id res chain seq x y z
N SER A 34 6.15 2.26 -1.28
CA SER A 34 5.00 1.53 -0.75
C SER A 34 5.35 0.09 -0.44
N MET A 35 6.65 -0.22 -0.33
CA MET A 35 7.07 -1.59 -0.09
C MET A 35 7.56 -1.82 1.34
N ARG A 36 8.19 -0.81 1.93
CA ARG A 36 8.84 -0.98 3.23
C ARG A 36 8.08 -0.37 4.41
N VAL A 37 7.94 -1.15 5.48
CA VAL A 37 7.48 -0.62 6.76
C VAL A 37 8.52 -0.93 7.85
N LEU A 38 8.84 0.06 8.66
CA LEU A 38 9.87 -0.08 9.68
C LEU A 38 9.27 -0.11 11.08
N PHE A 39 9.34 -1.26 11.74
CA PHE A 39 8.88 -1.39 13.11
C PHE A 39 10.00 -0.98 14.08
N VAL A 40 9.65 -0.16 15.06
CA VAL A 40 10.67 0.37 15.98
C VAL A 40 10.47 -0.06 17.42
N CYS A 41 11.51 -0.67 17.97
CA CYS A 41 11.54 -1.11 19.35
C CYS A 41 12.49 -0.22 20.14
N THR A 42 12.75 -0.58 21.39
CA THR A 42 13.82 0.05 22.14
C THR A 42 15.13 -0.68 21.86
N GLY A 43 15.09 -2.01 21.98
CA GLY A 43 16.28 -2.81 21.79
C GLY A 43 16.22 -3.78 20.62
N ASN A 44 15.10 -3.76 19.90
CA ASN A 44 14.90 -4.62 18.73
C ASN A 44 15.14 -6.10 19.02
N THR A 45 14.51 -6.60 20.09
CA THR A 45 14.69 -7.99 20.50
C THR A 45 13.35 -8.71 20.64
N CYS A 46 12.32 -7.99 21.12
CA CYS A 46 11.04 -8.61 21.40
C CYS A 46 9.93 -8.25 20.41
N ARG A 47 9.34 -7.07 20.56
CA ARG A 47 8.15 -6.71 19.78
C ARG A 47 8.44 -6.49 18.29
N SER A 48 9.41 -5.64 17.99
CA SER A 48 9.76 -5.34 16.60
C SER A 48 10.11 -6.58 15.75
N PRO A 49 10.91 -7.51 16.28
CA PRO A 49 11.12 -8.73 15.49
C PRO A 49 9.82 -9.52 15.33
N MET A 50 8.97 -9.50 16.34
CA MET A 50 7.69 -10.18 16.29
C MET A 50 6.74 -9.49 15.33
N ALA A 51 6.63 -8.16 15.46
CA ALA A 51 5.78 -7.37 14.58
C ALA A 51 6.23 -7.53 13.12
N GLU A 52 7.53 -7.55 12.90
CA GLU A 52 8.09 -7.75 11.57
C GLU A 52 7.82 -9.17 11.08
N GLY A 53 7.95 -10.13 11.99
CA GLY A 53 7.80 -11.54 11.66
C GLY A 53 6.44 -11.91 11.12
N ILE A 54 5.39 -11.64 11.89
CA ILE A 54 4.04 -12.05 11.49
C ILE A 54 3.46 -11.17 10.38
N PHE A 55 3.96 -9.93 10.27
CA PHE A 55 3.53 -9.06 9.18
C PHE A 55 3.91 -9.68 7.85
N ASN A 56 5.17 -10.07 7.72
CA ASN A 56 5.64 -10.73 6.51
C ASN A 56 4.89 -12.02 6.25
N ALA A 57 4.70 -12.82 7.29
CA ALA A 57 3.95 -14.08 7.19
C ALA A 57 2.53 -13.83 6.68
N LYS A 58 1.95 -12.71 7.08
CA LYS A 58 0.65 -12.30 6.56
C LYS A 58 0.81 -11.71 5.17
N SER A 59 1.88 -10.94 4.98
CA SER A 59 2.20 -10.34 3.68
C SER A 59 2.65 -11.41 2.69
N LYS A 60 3.02 -12.59 3.19
CA LYS A 60 3.36 -13.72 2.34
C LYS A 60 2.09 -14.42 1.87
N ALA A 61 1.20 -14.70 2.81
CA ALA A 61 -0.07 -15.37 2.51
C ALA A 61 -0.84 -14.61 1.45
N LEU A 62 -1.22 -13.37 1.76
CA LEU A 62 -1.77 -12.48 0.74
C LEU A 62 -0.65 -12.18 -0.23
N GLY A 63 -1.00 -11.86 -1.47
CA GLY A 63 0.00 -11.44 -2.43
C GLY A 63 0.21 -9.95 -2.31
N LYS A 64 1.00 -9.54 -1.32
CA LYS A 64 1.17 -8.11 -1.05
C LYS A 64 2.61 -7.63 -1.24
N ASP A 65 2.74 -6.49 -1.91
CA ASP A 65 4.04 -5.90 -2.19
C ASP A 65 4.53 -5.02 -1.04
N TRP A 66 4.42 -5.56 0.18
CA TRP A 66 4.91 -4.87 1.38
C TRP A 66 5.91 -5.75 2.11
N GLU A 67 6.92 -5.13 2.71
CA GLU A 67 7.90 -5.86 3.50
C GLU A 67 8.16 -5.14 4.82
N ALA A 68 8.56 -5.91 5.82
CA ALA A 68 8.78 -5.36 7.16
C ALA A 68 10.25 -5.43 7.57
N LYS A 69 10.70 -4.38 8.27
CA LYS A 69 12.03 -4.37 8.85
C LYS A 69 11.95 -3.85 10.28
N SER A 70 12.98 -4.14 11.07
CA SER A 70 12.98 -3.76 12.48
C SER A 70 14.22 -2.97 12.87
N ALA A 71 14.13 -2.27 14.01
CA ALA A 71 15.25 -1.53 14.56
C ALA A 71 14.93 -1.11 15.99
N GLY A 72 15.96 -0.80 16.77
CA GLY A 72 15.78 -0.33 18.13
C GLY A 72 16.39 1.04 18.32
N VAL A 73 15.78 1.83 19.21
CA VAL A 73 16.27 3.17 19.50
C VAL A 73 17.60 3.12 20.25
N PHE A 74 17.82 2.05 20.99
CA PHE A 74 19.07 1.85 21.72
C PHE A 74 19.41 0.37 21.81
N ALA A 75 19.47 -0.27 20.65
CA ALA A 75 19.71 -1.71 20.57
C ALA A 75 21.19 -2.06 20.61
N PRO A 76 21.53 -3.16 21.31
CA PRO A 76 22.87 -3.75 21.22
C PRO A 76 22.95 -4.69 20.03
N GLU A 77 23.80 -4.38 19.05
CA GLU A 77 23.84 -5.13 17.81
C GLU A 77 24.32 -6.57 17.99
N GLY A 78 23.83 -7.46 17.14
CA GLY A 78 24.26 -8.86 17.14
C GLY A 78 23.36 -9.78 17.95
N PHE A 79 22.47 -9.19 18.74
CA PHE A 79 21.58 -9.97 19.61
C PHE A 79 20.41 -10.55 18.82
N PRO A 80 20.10 -11.84 19.05
CA PRO A 80 18.95 -12.46 18.40
C PRO A 80 17.66 -11.98 19.04
N ALA A 81 16.52 -12.32 18.44
CA ALA A 81 15.24 -12.08 19.09
C ALA A 81 15.18 -13.00 20.30
N SER A 82 14.45 -12.58 21.33
CA SER A 82 14.35 -13.38 22.56
C SER A 82 13.78 -14.75 22.26
N SER A 83 14.26 -15.75 23.01
CA SER A 83 13.86 -17.14 22.79
C SER A 83 12.36 -17.33 23.01
N GLU A 84 11.78 -16.55 23.91
CA GLU A 84 10.34 -16.60 24.14
C GLU A 84 9.59 -16.11 22.90
N ALA A 85 10.04 -14.97 22.38
CA ALA A 85 9.46 -14.42 21.16
C ALA A 85 9.59 -15.41 20.00
N VAL A 86 10.74 -16.06 19.94
CA VAL A 86 11.02 -17.03 18.89
C VAL A 86 10.15 -18.28 19.04
N GLU A 87 9.82 -18.64 20.27
CA GLU A 87 9.02 -19.84 20.50
C GLU A 87 7.52 -19.54 20.48
N VAL A 88 7.13 -18.35 20.94
CA VAL A 88 5.72 -17.99 20.92
C VAL A 88 5.25 -17.74 19.49
N LEU A 89 6.16 -17.32 18.63
CA LEU A 89 5.82 -17.08 17.24
C LEU A 89 5.85 -18.38 16.45
N LYS A 90 6.66 -19.32 16.93
CA LYS A 90 6.85 -20.60 16.26
C LYS A 90 5.63 -21.49 16.54
N LYS A 91 5.24 -21.58 17.81
CA LYS A 91 4.14 -22.43 18.22
C LYS A 91 2.80 -21.89 17.73
N GLU A 92 2.57 -20.60 17.96
CA GLU A 92 1.26 -20.02 17.70
C GLU A 92 0.98 -19.73 16.23
N TYR A 93 1.95 -19.18 15.51
CA TYR A 93 1.71 -18.73 14.15
C TYR A 93 2.53 -19.44 13.08
N GLY A 94 3.48 -20.27 13.51
CA GLY A 94 4.28 -21.05 12.58
C GLY A 94 5.36 -20.26 11.87
N ILE A 95 5.62 -19.04 12.34
CA ILE A 95 6.71 -18.25 11.79
C ILE A 95 7.96 -18.43 12.65
N ASP A 96 9.12 -18.21 12.07
CA ASP A 96 10.38 -18.56 12.72
C ASP A 96 11.07 -17.40 13.44
N ILE A 97 11.47 -16.40 12.66
CA ILE A 97 12.30 -15.27 13.13
C ILE A 97 13.62 -15.67 13.82
N SER A 98 14.05 -16.91 13.61
CA SER A 98 15.31 -17.39 14.18
C SER A 98 16.53 -16.65 13.63
N ASP A 99 16.39 -16.11 12.43
CA ASP A 99 17.51 -15.45 11.77
C ASP A 99 17.57 -13.93 12.00
N HIS A 100 16.76 -13.44 12.94
CA HIS A 100 16.79 -12.03 13.28
C HIS A 100 17.98 -11.69 14.18
N ARG A 101 18.53 -10.49 13.98
CA ARG A 101 19.61 -10.01 14.82
C ARG A 101 19.33 -8.54 15.16
N ALA A 102 19.55 -8.16 16.41
CA ALA A 102 19.26 -6.81 16.87
C ALA A 102 20.08 -5.76 16.12
N LYS A 103 19.41 -4.74 15.60
CA LYS A 103 20.08 -3.66 14.90
C LYS A 103 19.68 -2.31 15.53
N SER A 104 20.67 -1.47 15.80
CA SER A 104 20.40 -0.12 16.29
C SER A 104 20.05 0.77 15.10
N LEU A 105 19.06 1.63 15.29
CA LEU A 105 18.54 2.46 14.21
C LEU A 105 19.56 3.50 13.74
N ARG A 106 19.70 3.62 12.41
CA ARG A 106 20.63 4.56 11.81
C ARG A 106 19.86 5.54 10.93
N GLU A 107 20.51 6.03 9.89
CA GLU A 107 19.84 6.90 8.93
C GLU A 107 19.45 6.11 7.69
N GLU A 108 20.06 4.95 7.52
CA GLU A 108 19.80 4.08 6.37
C GLU A 108 18.38 3.53 6.38
N ASP A 109 17.89 3.20 7.57
CA ASP A 109 16.59 2.56 7.71
C ASP A 109 15.43 3.55 7.55
N LEU A 110 15.62 4.77 8.05
CA LEU A 110 14.56 5.78 8.00
C LEU A 110 14.29 6.28 6.60
N LYS A 111 15.36 6.52 5.83
CA LYS A 111 15.23 7.00 4.45
C LYS A 111 14.55 5.96 3.56
N GLY A 112 14.92 4.70 3.73
CA GLY A 112 14.38 3.63 2.91
C GLY A 112 12.97 3.25 3.29
N ALA A 113 12.50 3.75 4.42
CA ALA A 113 11.17 3.42 4.92
C ALA A 113 10.09 4.35 4.37
N ASP A 114 9.05 3.77 3.79
CA ASP A 114 7.89 4.53 3.35
C ASP A 114 7.06 4.88 4.57
N LEU A 115 7.10 4.00 5.56
CA LEU A 115 6.34 4.15 6.78
C LEU A 115 7.11 3.52 7.93
N VAL A 116 7.18 4.22 9.07
CA VAL A 116 7.84 3.67 10.24
C VAL A 116 6.92 3.68 11.46
N LEU A 117 6.66 2.51 12.01
CA LEU A 117 5.73 2.36 13.13
C LEU A 117 6.42 1.97 14.43
N ALA A 118 6.22 2.76 15.47
CA ALA A 118 6.79 2.51 16.77
C ALA A 118 5.81 1.73 17.64
N MET A 119 6.33 0.81 18.45
CA MET A 119 5.49 0.02 19.35
C MET A 119 4.89 0.89 20.44
N ALA A 120 5.64 1.91 20.86
CA ALA A 120 5.20 2.79 21.93
C ALA A 120 5.37 4.26 21.55
N PHE A 121 4.69 5.13 22.28
CA PHE A 121 4.77 6.56 22.05
C PHE A 121 6.16 7.09 22.41
N SER A 122 6.85 6.35 23.27
CA SER A 122 8.22 6.69 23.66
C SER A 122 9.16 6.56 22.48
N HIS A 123 9.04 5.46 21.76
CA HIS A 123 9.87 5.22 20.58
C HIS A 123 9.56 6.25 19.50
N LYS A 124 8.27 6.58 19.36
CA LYS A 124 7.84 7.59 18.39
C LYS A 124 8.43 8.95 18.70
N ARG A 125 8.29 9.39 19.95
CA ARG A 125 8.79 10.68 20.37
C ARG A 125 10.31 10.81 20.21
N SER A 126 11.03 9.77 20.62
CA SER A 126 12.49 9.73 20.50
C SER A 126 12.92 9.97 19.06
N LEU A 127 12.21 9.34 18.13
CA LEU A 127 12.51 9.49 16.71
C LEU A 127 12.21 10.90 16.19
N VAL A 128 10.99 11.37 16.43
CA VAL A 128 10.56 12.67 15.89
C VAL A 128 11.32 13.87 16.47
N SER A 129 11.76 13.75 17.72
N SER A 129 11.76 13.75 17.72
CA SER A 129 12.55 14.82 18.34
CA SER A 129 12.55 14.82 18.34
C SER A 129 13.91 14.92 17.67
C SER A 129 13.91 14.92 17.68
N GLN A 130 14.51 13.76 17.42
CA GLN A 130 15.82 13.69 16.80
C GLN A 130 15.74 13.82 15.28
N TYR A 131 14.71 13.20 14.69
CA TYR A 131 14.54 13.21 13.24
C TYR A 131 13.29 13.97 12.81
N PRO A 132 13.36 15.31 12.81
CA PRO A 132 12.21 16.09 12.33
C PRO A 132 12.11 16.02 10.81
N GLU A 133 10.90 16.12 10.28
CA GLU A 133 10.64 16.03 8.84
C GLU A 133 10.84 14.62 8.27
N TYR A 134 11.31 13.71 9.11
CA TYR A 134 11.11 12.29 8.88
C TYR A 134 9.83 11.96 9.63
N ALA A 135 9.40 12.92 10.44
CA ALA A 135 8.25 12.79 11.30
C ALA A 135 6.94 12.57 10.55
N ASP A 136 6.94 12.93 9.26
CA ASP A 136 5.74 12.78 8.44
C ASP A 136 5.36 11.32 8.26
N LYS A 137 6.35 10.43 8.32
CA LYS A 137 6.11 9.01 8.17
C LYS A 137 6.27 8.25 9.48
N ILE A 138 6.49 8.98 10.57
CA ILE A 138 6.63 8.38 11.88
C ILE A 138 5.31 8.38 12.65
N PHE A 139 4.83 7.19 13.00
CA PHE A 139 3.62 7.07 13.80
C PHE A 139 3.75 5.91 14.78
N THR A 140 2.84 5.83 15.74
CA THR A 140 2.80 4.73 16.68
C THR A 140 1.94 3.61 16.12
N ILE A 141 2.26 2.36 16.49
CA ILE A 141 1.58 1.19 15.96
C ILE A 141 0.06 1.21 16.19
N LYS A 142 -0.37 1.84 17.28
CA LYS A 142 -1.79 1.91 17.62
C LYS A 142 -2.46 3.12 16.95
N GLU A 143 -1.75 4.25 16.94
CA GLU A 143 -2.33 5.49 16.42
C GLU A 143 -2.49 5.47 14.90
N PHE A 144 -1.70 4.64 14.23
CA PHE A 144 -1.79 4.56 12.77
C PHE A 144 -3.07 3.85 12.34
N VAL A 145 -3.52 2.92 13.16
CA VAL A 145 -4.76 2.21 12.87
C VAL A 145 -5.95 2.84 13.60
N GLY A 146 -5.76 4.08 14.05
CA GLY A 146 -6.83 4.84 14.66
C GLY A 146 -7.04 4.61 16.15
N LEU A 147 -6.19 3.79 16.74
CA LEU A 147 -6.29 3.49 18.17
C LEU A 147 -5.36 4.35 19.02
N GLU A 148 -5.27 4.02 20.30
CA GLU A 148 -4.34 4.70 21.21
C GLU A 148 -3.63 3.67 22.09
N GLY A 149 -2.49 4.08 22.65
CA GLY A 149 -1.77 3.22 23.58
C GLY A 149 -0.48 2.67 23.00
N ASP A 150 0.18 1.82 23.77
CA ASP A 150 1.44 1.20 23.36
C ASP A 150 1.34 -0.31 23.46
N VAL A 151 2.20 -1.01 22.72
CA VAL A 151 2.37 -2.44 22.90
C VAL A 151 3.50 -2.65 23.90
N GLU A 152 3.16 -3.15 25.08
CA GLU A 152 4.10 -3.19 26.20
C GLU A 152 5.19 -4.25 26.05
N ASP A 153 6.33 -4.00 26.69
CA ASP A 153 7.49 -4.88 26.63
C ASP A 153 7.25 -6.15 27.42
N PRO A 154 7.36 -7.31 26.75
CA PRO A 154 7.25 -8.62 27.40
C PRO A 154 8.57 -9.08 28.02
N TYR A 155 9.49 -8.14 28.26
CA TYR A 155 10.83 -8.41 28.78
C TYR A 155 10.82 -9.34 30.00
N GLY A 156 11.32 -10.56 29.82
CA GLY A 156 11.45 -11.50 30.93
C GLY A 156 10.13 -11.97 31.51
N MET A 157 9.05 -11.66 30.80
CA MET A 157 7.71 -12.05 31.24
C MET A 157 7.42 -13.48 30.84
N PRO A 158 6.49 -14.14 31.56
CA PRO A 158 6.05 -15.48 31.21
C PRO A 158 5.51 -15.56 29.78
N LEU A 159 5.50 -16.75 29.20
CA LEU A 159 5.10 -16.93 27.80
C LEU A 159 3.72 -16.39 27.48
N GLU A 160 2.80 -16.47 28.45
CA GLU A 160 1.46 -15.96 28.27
C GLU A 160 1.44 -14.48 27.94
N VAL A 161 2.39 -13.73 28.51
CA VAL A 161 2.53 -12.32 28.23
C VAL A 161 3.07 -12.13 26.82
N TYR A 162 4.06 -12.94 26.44
CA TYR A 162 4.56 -12.95 25.08
C TYR A 162 3.45 -13.36 24.13
N LYS A 163 2.60 -14.27 24.59
CA LYS A 163 1.47 -14.75 23.81
C LYS A 163 0.46 -13.65 23.59
N LYS A 164 0.12 -12.93 24.66
CA LYS A 164 -0.82 -11.83 24.60
C LYS A 164 -0.32 -10.70 23.70
N THR A 165 0.99 -10.43 23.78
CA THR A 165 1.61 -9.40 22.96
C THR A 165 1.60 -9.82 21.48
N ALA A 166 1.79 -11.11 21.24
CA ALA A 166 1.74 -11.65 19.89
C ALA A 166 0.35 -11.52 19.27
N GLU A 167 -0.68 -11.74 20.07
CA GLU A 167 -2.06 -11.63 19.62
C GLU A 167 -2.41 -10.19 19.25
N GLU A 168 -2.04 -9.25 20.12
CA GLU A 168 -2.30 -7.84 19.87
C GLU A 168 -1.62 -7.39 18.58
N LEU A 169 -0.35 -7.78 18.43
CA LEU A 169 0.42 -7.46 17.24
C LEU A 169 -0.23 -8.04 15.98
N SER A 170 -0.68 -9.29 16.06
N SER A 170 -0.68 -9.29 16.06
CA SER A 170 -1.32 -9.95 14.94
CA SER A 170 -1.32 -9.95 14.94
C SER A 170 -2.62 -9.25 14.56
C SER A 170 -2.62 -9.25 14.56
N GLY A 171 -3.33 -8.75 15.56
CA GLY A 171 -4.58 -8.04 15.35
C GLY A 171 -4.35 -6.67 14.77
N LEU A 172 -3.33 -5.97 15.27
CA LEU A 172 -3.00 -4.63 14.80
C LEU A 172 -2.45 -4.66 13.38
N ILE A 173 -1.65 -5.67 13.07
CA ILE A 173 -1.07 -5.81 11.74
C ILE A 173 -2.15 -6.15 10.70
N ASP A 174 -3.19 -6.85 11.15
CA ASP A 174 -4.36 -7.09 10.30
C ASP A 174 -4.97 -5.77 9.82
N LYS A 175 -5.13 -4.83 10.74
CA LYS A 175 -5.64 -3.51 10.40
C LYS A 175 -4.63 -2.75 9.55
N LEU A 176 -3.35 -2.95 9.87
CA LEU A 176 -2.26 -2.29 9.16
C LEU A 176 -2.28 -2.67 7.68
N ILE A 177 -2.33 -3.97 7.41
CA ILE A 177 -2.28 -4.48 6.04
C ILE A 177 -3.45 -3.97 5.18
N GLU A 178 -4.63 -3.86 5.77
CA GLU A 178 -5.77 -3.32 5.05
C GLU A 178 -5.62 -1.83 4.73
N LYS A 179 -5.08 -1.07 5.68
CA LYS A 179 -4.84 0.36 5.46
C LYS A 179 -3.77 0.58 4.41
N LEU A 180 -2.73 -0.24 4.45
CA LEU A 180 -1.62 -0.16 3.49
C LEU A 180 -2.06 -0.57 2.10
N SER B 34 2.63 5.36 -0.55
CA SER B 34 1.42 4.58 -0.38
C SER B 34 0.17 5.45 -0.35
N MET B 35 0.06 6.36 -1.31
CA MET B 35 -1.09 7.25 -1.37
C MET B 35 -1.85 7.18 -2.69
N ARG B 36 -1.13 7.34 -3.80
CA ARG B 36 -1.82 7.52 -5.08
C ARG B 36 -1.37 6.60 -6.22
N VAL B 37 -2.35 6.01 -6.89
CA VAL B 37 -2.13 5.28 -8.14
C VAL B 37 -2.79 6.05 -9.28
N LEU B 38 -2.11 6.13 -10.42
CA LEU B 38 -2.63 6.86 -11.57
C LEU B 38 -2.92 5.95 -12.75
N PHE B 39 -4.18 5.94 -13.20
CA PHE B 39 -4.56 5.20 -14.40
C PHE B 39 -4.50 6.13 -15.60
N VAL B 40 -3.84 5.70 -16.67
CA VAL B 40 -3.79 6.52 -17.88
C VAL B 40 -4.18 5.76 -19.15
N CYS B 41 -5.00 6.42 -19.97
N CYS B 41 -5.01 6.40 -19.97
CA CYS B 41 -5.45 5.85 -21.23
CA CYS B 41 -5.41 5.84 -21.25
C CYS B 41 -5.20 6.85 -22.35
C CYS B 41 -5.19 6.85 -22.36
N THR B 42 -6.09 6.86 -23.35
CA THR B 42 -5.96 7.78 -24.48
C THR B 42 -6.69 9.10 -24.23
N GLY B 43 -7.99 9.10 -24.53
CA GLY B 43 -8.78 10.32 -24.43
C GLY B 43 -9.20 10.69 -23.02
N ASN B 44 -8.94 9.81 -22.07
CA ASN B 44 -9.28 10.02 -20.66
C ASN B 44 -10.78 10.29 -20.48
N THR B 45 -11.60 9.57 -21.25
CA THR B 45 -13.04 9.74 -21.19
C THR B 45 -13.76 8.45 -20.81
N CYS B 46 -13.08 7.32 -20.99
CA CYS B 46 -13.69 6.03 -20.71
C CYS B 46 -12.92 5.18 -19.69
N ARG B 47 -11.94 4.42 -20.17
CA ARG B 47 -11.25 3.43 -19.33
C ARG B 47 -10.63 3.97 -18.04
N SER B 48 -9.64 4.86 -18.17
CA SER B 48 -8.96 5.40 -16.98
C SER B 48 -9.88 6.14 -15.99
N PRO B 49 -10.84 6.94 -16.48
CA PRO B 49 -11.76 7.50 -15.48
C PRO B 49 -12.72 6.45 -14.89
N MET B 50 -12.98 5.37 -15.62
CA MET B 50 -13.80 4.29 -15.08
C MET B 50 -13.07 3.54 -13.98
N ALA B 51 -11.80 3.22 -14.22
CA ALA B 51 -10.97 2.54 -13.23
C ALA B 51 -10.78 3.44 -12.01
N GLU B 52 -10.66 4.74 -12.25
CA GLU B 52 -10.50 5.73 -11.21
C GLU B 52 -11.63 5.69 -10.20
N GLY B 53 -12.86 5.75 -10.70
CA GLY B 53 -14.04 5.72 -9.86
C GLY B 53 -14.20 4.41 -9.11
N ILE B 54 -13.84 3.31 -9.78
CA ILE B 54 -13.93 1.99 -9.17
C ILE B 54 -12.89 1.81 -8.06
N PHE B 55 -11.68 2.31 -8.29
CA PHE B 55 -10.62 2.24 -7.28
C PHE B 55 -10.98 3.06 -6.04
N ASN B 56 -11.34 4.32 -6.26
CA ASN B 56 -11.60 5.24 -5.15
C ASN B 56 -12.79 4.84 -4.28
N ALA B 57 -13.81 4.24 -4.88
CA ALA B 57 -14.98 3.82 -4.14
C ALA B 57 -14.70 2.56 -3.34
N LYS B 58 -13.90 1.66 -3.93
CA LYS B 58 -13.55 0.41 -3.28
C LYS B 58 -12.55 0.63 -2.15
N SER B 59 -11.64 1.57 -2.34
CA SER B 59 -10.61 1.86 -1.34
C SER B 59 -11.20 2.62 -0.15
N LYS B 60 -12.13 3.54 -0.41
CA LYS B 60 -12.79 4.29 0.65
C LYS B 60 -13.65 3.39 1.50
N ALA B 61 -14.12 2.29 0.91
CA ALA B 61 -14.96 1.33 1.62
C ALA B 61 -14.11 0.30 2.36
N LEU B 62 -12.80 0.35 2.14
CA LEU B 62 -11.88 -0.59 2.75
C LEU B 62 -11.05 0.10 3.83
N GLY B 63 -11.14 1.43 3.88
CA GLY B 63 -10.37 2.20 4.84
C GLY B 63 -8.95 2.40 4.38
N LYS B 64 -8.61 1.77 3.26
CA LYS B 64 -7.27 1.81 2.69
C LYS B 64 -6.88 3.23 2.33
N ASP B 65 -5.62 3.59 2.60
CA ASP B 65 -5.14 4.93 2.30
C ASP B 65 -4.53 5.02 0.90
N TRP B 66 -5.27 4.53 -0.09
CA TRP B 66 -4.88 4.69 -1.49
C TRP B 66 -6.00 5.40 -2.25
N GLU B 67 -5.64 6.45 -2.98
CA GLU B 67 -6.61 7.14 -3.82
C GLU B 67 -6.13 7.12 -5.26
N ALA B 68 -7.07 7.26 -6.20
CA ALA B 68 -6.73 7.18 -7.62
C ALA B 68 -7.17 8.42 -8.37
N LYS B 69 -6.43 8.75 -9.43
CA LYS B 69 -6.82 9.78 -10.38
C LYS B 69 -6.57 9.24 -11.78
N SER B 70 -6.90 10.03 -12.79
CA SER B 70 -6.74 9.58 -14.17
C SER B 70 -6.22 10.69 -15.09
N ALA B 71 -5.48 10.29 -16.12
CA ALA B 71 -4.99 11.21 -17.13
C ALA B 71 -4.96 10.50 -18.47
N GLY B 72 -4.76 11.25 -19.55
CA GLY B 72 -4.72 10.67 -20.88
C GLY B 72 -3.52 11.14 -21.69
N VAL B 73 -2.96 10.24 -22.49
CA VAL B 73 -1.80 10.56 -23.32
C VAL B 73 -2.17 11.54 -24.45
N PHE B 74 -3.45 11.57 -24.80
CA PHE B 74 -3.93 12.49 -25.83
C PHE B 74 -5.35 12.91 -25.49
N ALA B 75 -5.49 13.66 -24.40
CA ALA B 75 -6.80 13.98 -23.84
C ALA B 75 -7.37 15.30 -24.32
N PRO B 76 -8.64 15.27 -24.76
CA PRO B 76 -9.42 16.50 -25.00
C PRO B 76 -9.82 17.11 -23.66
N GLU B 77 -9.21 18.24 -23.33
CA GLU B 77 -9.18 18.76 -21.96
C GLU B 77 -10.53 19.00 -21.26
N GLY B 78 -11.34 19.92 -21.78
CA GLY B 78 -12.55 20.33 -21.09
C GLY B 78 -13.64 19.29 -20.92
N PHE B 79 -13.46 18.14 -21.57
CA PHE B 79 -14.54 17.17 -21.76
C PHE B 79 -14.85 16.31 -20.54
N PRO B 80 -16.14 15.94 -20.37
CA PRO B 80 -16.56 15.05 -19.29
C PRO B 80 -16.37 13.59 -19.70
N ALA B 81 -16.43 12.68 -18.73
CA ALA B 81 -16.41 11.25 -19.03
C ALA B 81 -17.61 10.94 -19.91
N SER B 82 -17.47 9.94 -20.77
CA SER B 82 -18.56 9.55 -21.66
C SER B 82 -19.80 9.22 -20.85
N SER B 83 -20.95 9.65 -21.36
CA SER B 83 -22.24 9.37 -20.73
C SER B 83 -22.43 7.86 -20.56
N GLU B 84 -21.85 7.11 -21.49
CA GLU B 84 -21.92 5.66 -21.48
C GLU B 84 -21.18 5.09 -20.27
N ALA B 85 -20.06 5.73 -19.91
CA ALA B 85 -19.28 5.31 -18.76
C ALA B 85 -19.93 5.75 -17.45
N VAL B 86 -20.54 6.93 -17.45
CA VAL B 86 -21.23 7.44 -16.29
C VAL B 86 -22.37 6.53 -15.89
N GLU B 87 -23.12 6.07 -16.90
CA GLU B 87 -24.28 5.22 -16.67
C GLU B 87 -23.94 3.86 -16.05
N VAL B 88 -22.96 3.18 -16.62
CA VAL B 88 -22.63 1.82 -16.18
C VAL B 88 -22.07 1.77 -14.75
N LEU B 89 -21.28 2.76 -14.36
CA LEU B 89 -20.70 2.78 -13.02
C LEU B 89 -21.78 2.98 -11.96
N LYS B 90 -22.75 3.84 -12.28
CA LYS B 90 -23.86 4.10 -11.37
C LYS B 90 -24.82 2.93 -11.31
N LYS B 91 -25.21 2.42 -12.47
CA LYS B 91 -26.20 1.35 -12.55
C LYS B 91 -25.68 0.02 -11.99
N GLU B 92 -24.41 -0.27 -12.22
CA GLU B 92 -23.83 -1.54 -11.81
C GLU B 92 -23.15 -1.51 -10.44
N TYR B 93 -22.74 -0.32 -10.00
CA TYR B 93 -21.97 -0.22 -8.75
C TYR B 93 -22.43 0.89 -7.81
N GLY B 94 -23.30 1.77 -8.30
CA GLY B 94 -23.73 2.91 -7.51
C GLY B 94 -22.62 3.93 -7.36
N ILE B 95 -21.72 3.96 -8.33
CA ILE B 95 -20.59 4.88 -8.32
C ILE B 95 -20.83 6.05 -9.26
N ASP B 96 -20.60 7.27 -8.78
CA ASP B 96 -20.85 8.47 -9.56
C ASP B 96 -19.54 9.15 -9.96
N ILE B 97 -19.33 9.31 -11.27
CA ILE B 97 -18.13 9.96 -11.79
C ILE B 97 -18.47 11.20 -12.62
N SER B 98 -19.54 11.89 -12.25
CA SER B 98 -20.02 13.03 -13.02
C SER B 98 -19.04 14.19 -13.05
N ASP B 99 -18.13 14.24 -12.08
CA ASP B 99 -17.19 15.35 -11.97
C ASP B 99 -15.87 15.14 -12.71
N HIS B 100 -15.75 14.01 -13.40
CA HIS B 100 -14.54 13.74 -14.18
C HIS B 100 -14.40 14.67 -15.36
N ARG B 101 -13.26 15.35 -15.43
CA ARG B 101 -12.92 16.15 -16.60
C ARG B 101 -11.59 15.62 -17.14
N ALA B 102 -11.57 15.28 -18.42
CA ALA B 102 -10.38 14.70 -19.04
C ALA B 102 -9.16 15.59 -18.84
N LYS B 103 -8.02 14.99 -18.53
CA LYS B 103 -6.83 15.77 -18.27
C LYS B 103 -5.60 15.18 -18.94
N SER B 104 -4.84 16.04 -19.61
CA SER B 104 -3.60 15.63 -20.25
C SER B 104 -2.57 15.25 -19.18
N LEU B 105 -1.83 14.18 -19.45
CA LEU B 105 -0.86 13.68 -18.49
C LEU B 105 0.39 14.56 -18.44
N ARG B 106 0.65 15.15 -17.26
CA ARG B 106 1.84 15.95 -17.04
C ARG B 106 2.94 15.09 -16.41
N GLU B 107 4.13 15.66 -16.28
CA GLU B 107 5.22 15.01 -15.58
C GLU B 107 4.87 14.95 -14.10
N GLU B 108 4.14 15.95 -13.66
CA GLU B 108 3.79 16.12 -12.25
C GLU B 108 2.93 14.99 -11.71
N ASP B 109 2.01 14.50 -12.52
CA ASP B 109 1.16 13.38 -12.11
C ASP B 109 1.95 12.09 -12.07
N LEU B 110 3.09 12.07 -12.75
CA LEU B 110 4.03 10.98 -12.64
C LEU B 110 4.92 11.19 -11.41
N LYS B 111 5.04 12.43 -10.97
CA LYS B 111 5.80 12.74 -9.77
C LYS B 111 4.99 12.39 -8.53
N GLY B 112 3.72 12.77 -8.53
CA GLY B 112 2.87 12.63 -7.36
C GLY B 112 2.18 11.28 -7.23
N ALA B 113 2.57 10.33 -8.08
CA ALA B 113 1.99 8.99 -8.03
C ALA B 113 3.02 7.97 -7.54
N ASP B 114 2.58 7.03 -6.71
CA ASP B 114 3.42 5.93 -6.30
C ASP B 114 3.44 4.88 -7.39
N LEU B 115 2.37 4.84 -8.17
CA LEU B 115 2.22 3.84 -9.21
C LEU B 115 1.45 4.41 -10.41
N VAL B 116 1.92 4.06 -11.60
CA VAL B 116 1.24 4.47 -12.83
C VAL B 116 0.83 3.22 -13.61
N LEU B 117 -0.47 3.12 -13.91
CA LEU B 117 -1.01 1.93 -14.57
C LEU B 117 -1.62 2.23 -15.92
N ALA B 118 -1.06 1.63 -16.97
CA ALA B 118 -1.55 1.83 -18.33
C ALA B 118 -2.75 0.95 -18.64
N MET B 119 -3.69 1.47 -19.42
CA MET B 119 -4.87 0.72 -19.80
C MET B 119 -4.59 -0.17 -21.00
N ALA B 120 -3.44 0.04 -21.63
CA ALA B 120 -3.01 -0.79 -22.75
C ALA B 120 -1.49 -0.81 -22.82
N PHE B 121 -0.94 -1.84 -23.48
CA PHE B 121 0.50 -1.94 -23.64
C PHE B 121 1.04 -0.75 -24.42
N SER B 122 0.24 -0.27 -25.37
CA SER B 122 0.61 0.90 -26.17
C SER B 122 0.70 2.15 -25.31
N HIS B 123 -0.10 2.20 -24.26
CA HIS B 123 -0.03 3.30 -23.30
C HIS B 123 1.26 3.19 -22.49
N LYS B 124 1.59 1.96 -22.11
CA LYS B 124 2.84 1.69 -21.39
C LYS B 124 4.03 2.00 -22.28
N ARG B 125 3.89 1.68 -23.57
CA ARG B 125 4.95 1.92 -24.55
C ARG B 125 5.32 3.39 -24.65
N SER B 126 4.31 4.25 -24.65
CA SER B 126 4.51 5.70 -24.81
C SER B 126 5.00 6.37 -23.53
N LEU B 127 4.68 5.78 -22.38
CA LEU B 127 5.01 6.41 -21.10
C LEU B 127 6.50 6.37 -20.77
N VAL B 128 7.19 5.32 -21.22
CA VAL B 128 8.64 5.26 -21.06
C VAL B 128 9.28 6.39 -21.89
N SER B 129 8.56 6.80 -22.94
CA SER B 129 9.02 7.83 -23.88
C SER B 129 8.69 9.22 -23.40
N GLN B 130 7.44 9.40 -22.94
CA GLN B 130 6.95 10.72 -22.55
C GLN B 130 7.84 11.41 -21.54
N TYR B 131 7.60 11.13 -20.26
CA TYR B 131 8.32 11.79 -19.19
C TYR B 131 9.53 10.98 -18.74
N PRO B 132 10.74 11.55 -18.93
CA PRO B 132 12.05 10.98 -18.57
C PRO B 132 11.95 9.99 -17.43
N GLU B 133 12.11 8.73 -17.80
CA GLU B 133 11.46 7.60 -17.14
C GLU B 133 11.54 7.44 -15.62
N TYR B 134 10.41 7.05 -15.07
CA TYR B 134 10.37 6.25 -13.86
C TYR B 134 9.69 4.97 -14.31
N ALA B 135 10.28 4.29 -15.28
CA ALA B 135 9.71 3.06 -15.84
C ALA B 135 9.55 1.99 -14.76
N ASP B 136 10.23 2.19 -13.63
CA ASP B 136 10.13 1.31 -12.48
C ASP B 136 8.77 1.38 -11.80
N LYS B 137 7.97 2.38 -12.13
CA LYS B 137 6.64 2.53 -11.54
C LYS B 137 5.53 2.60 -12.60
N ILE B 138 5.87 2.30 -13.85
CA ILE B 138 4.90 2.31 -14.92
C ILE B 138 4.66 0.91 -15.49
N PHE B 139 3.47 0.38 -15.23
CA PHE B 139 3.10 -0.95 -15.70
C PHE B 139 1.79 -0.83 -16.46
N THR B 140 1.40 -1.92 -17.13
CA THR B 140 0.02 -2.03 -17.60
C THR B 140 -0.73 -2.64 -16.43
N ILE B 141 -2.02 -2.34 -16.31
CA ILE B 141 -2.77 -2.80 -15.14
C ILE B 141 -2.87 -4.32 -15.05
N LYS B 142 -2.97 -4.97 -16.21
CA LYS B 142 -3.05 -6.44 -16.24
C LYS B 142 -1.73 -7.10 -15.83
N GLU B 143 -0.62 -6.58 -16.36
CA GLU B 143 0.69 -7.19 -16.10
C GLU B 143 1.14 -7.02 -14.65
N PHE B 144 0.70 -5.93 -14.02
CA PHE B 144 1.06 -5.67 -12.63
C PHE B 144 0.30 -6.64 -11.73
N VAL B 145 -0.75 -7.24 -12.26
CA VAL B 145 -1.65 -8.05 -11.44
C VAL B 145 -1.68 -9.54 -11.81
N GLY B 146 -0.98 -9.91 -12.89
CA GLY B 146 -0.75 -11.32 -13.18
C GLY B 146 -1.13 -11.87 -14.54
N LEU B 147 -1.63 -11.02 -15.44
CA LEU B 147 -1.96 -11.46 -16.79
C LEU B 147 -1.40 -10.49 -17.82
N GLU B 148 -1.49 -10.85 -19.09
CA GLU B 148 -1.06 -9.95 -20.17
C GLU B 148 -2.26 -9.53 -21.00
N GLY B 149 -2.10 -8.50 -21.82
CA GLY B 149 -3.17 -8.06 -22.70
C GLY B 149 -3.49 -6.58 -22.61
N ASP B 150 -4.67 -6.22 -23.11
CA ASP B 150 -5.15 -4.85 -23.08
C ASP B 150 -6.56 -4.76 -22.52
N VAL B 151 -6.89 -3.60 -21.95
CA VAL B 151 -8.24 -3.31 -21.51
C VAL B 151 -9.05 -2.82 -22.70
N GLU B 152 -10.21 -3.42 -22.91
CA GLU B 152 -11.05 -3.10 -24.05
C GLU B 152 -11.46 -1.61 -24.06
N ASP B 153 -11.14 -0.91 -25.15
CA ASP B 153 -11.58 0.46 -25.33
C ASP B 153 -13.01 0.45 -25.85
N PRO B 154 -13.97 0.85 -25.00
CA PRO B 154 -15.39 0.68 -25.30
C PRO B 154 -16.04 1.89 -25.97
N TYR B 155 -15.26 2.90 -26.36
CA TYR B 155 -15.85 4.10 -26.95
C TYR B 155 -16.58 3.83 -28.26
N GLY B 156 -17.83 4.24 -28.32
CA GLY B 156 -18.66 4.03 -29.50
C GLY B 156 -19.33 2.67 -29.52
N MET B 157 -19.41 2.04 -28.35
CA MET B 157 -19.96 0.69 -28.25
C MET B 157 -21.21 0.68 -27.37
N PRO B 158 -22.08 -0.33 -27.54
CA PRO B 158 -23.36 -0.36 -26.82
C PRO B 158 -23.14 -0.59 -25.33
N LEU B 159 -24.20 -0.48 -24.54
CA LEU B 159 -24.06 -0.62 -23.09
C LEU B 159 -24.18 -2.06 -22.61
N GLU B 160 -23.42 -2.94 -23.26
CA GLU B 160 -23.22 -4.31 -22.80
C GLU B 160 -21.72 -4.57 -22.78
N VAL B 161 -21.05 -4.07 -23.81
CA VAL B 161 -19.58 -4.12 -23.89
C VAL B 161 -19.01 -3.18 -22.85
N TYR B 162 -19.69 -2.04 -22.66
CA TYR B 162 -19.34 -1.11 -21.60
C TYR B 162 -19.48 -1.77 -20.23
N LYS B 163 -20.49 -2.65 -20.11
CA LYS B 163 -20.67 -3.40 -18.87
C LYS B 163 -19.53 -4.39 -18.68
N LYS B 164 -19.07 -5.00 -19.78
CA LYS B 164 -17.95 -5.92 -19.71
C LYS B 164 -16.67 -5.18 -19.36
N THR B 165 -16.49 -4.00 -19.96
CA THR B 165 -15.34 -3.15 -19.67
C THR B 165 -15.30 -2.79 -18.19
N ALA B 166 -16.41 -2.26 -17.69
CA ALA B 166 -16.53 -1.89 -16.28
C ALA B 166 -16.32 -3.09 -15.38
N GLU B 167 -16.83 -4.24 -15.80
CA GLU B 167 -16.75 -5.45 -15.02
C GLU B 167 -15.34 -6.02 -15.04
N GLU B 168 -14.70 -5.97 -16.21
CA GLU B 168 -13.31 -6.39 -16.35
C GLU B 168 -12.41 -5.52 -15.47
N LEU B 169 -12.72 -4.23 -15.42
CA LEU B 169 -11.94 -3.28 -14.63
C LEU B 169 -12.06 -3.56 -13.14
N SER B 170 -13.29 -3.78 -12.67
CA SER B 170 -13.55 -4.01 -11.26
C SER B 170 -12.83 -5.25 -10.74
N GLY B 171 -12.79 -6.30 -11.57
CA GLY B 171 -12.10 -7.52 -11.22
C GLY B 171 -10.61 -7.32 -11.09
N LEU B 172 -10.03 -6.60 -12.05
CA LEU B 172 -8.60 -6.31 -12.04
C LEU B 172 -8.23 -5.43 -10.86
N ILE B 173 -9.16 -4.56 -10.48
CA ILE B 173 -8.93 -3.66 -9.35
C ILE B 173 -9.03 -4.41 -8.03
N ASP B 174 -9.79 -5.51 -8.00
CA ASP B 174 -9.99 -6.31 -6.79
C ASP B 174 -8.76 -7.13 -6.37
N LYS B 175 -7.90 -7.44 -7.35
CA LYS B 175 -6.64 -8.12 -7.08
C LYS B 175 -5.49 -7.11 -6.86
N LEU B 176 -5.67 -5.90 -7.38
CA LEU B 176 -4.64 -4.85 -7.31
C LEU B 176 -4.53 -4.28 -5.89
N ILE B 177 -5.67 -3.82 -5.36
CA ILE B 177 -5.85 -3.46 -3.95
C ILE B 177 -5.34 -4.57 -3.01
N GLU B 178 -5.51 -5.83 -3.41
CA GLU B 178 -4.98 -6.95 -2.63
C GLU B 178 -3.46 -6.86 -2.58
N LYS B 179 -2.85 -6.41 -3.68
CA LYS B 179 -1.41 -6.21 -3.73
C LYS B 179 -1.03 -4.83 -3.17
N LEU B 180 -2.00 -3.93 -3.14
CA LEU B 180 -1.75 -2.54 -2.75
C LEU B 180 -2.39 -2.17 -1.42
#